data_2ZYQ
#
_entry.id   2ZYQ
#
_cell.length_a   123.737
_cell.length_b   123.737
_cell.length_c   106.784
_cell.angle_alpha   90.00
_cell.angle_beta   90.00
_cell.angle_gamma   90.00
#
_symmetry.space_group_name_H-M   'P 4 21 2'
#
loop_
_entity.id
_entity.type
_entity.pdbx_description
1 polymer 'PROBABLE BIPHENYL-2,3-DIOL 1,2-DIOXYGENASE BPHC'
2 non-polymer 'FE (II) ION'
3 non-polymer 'D(-)-TARTARIC ACID'
4 water water
#
_entity_poly.entity_id   1
_entity_poly.type   'polypeptide(L)'
_entity_poly.pdbx_seq_one_letter_code
;MSIRSLGYLRIEATDMAAWREYGLKVLGMVEGKGAPEGALYLRMDDFPARLVVVPGEHDRLLEAGWECANAEGLQEIRNR
LDLEGTPYKEATAAELADRRVDEMIRFADPSGNCLEVFHGTALEHRRVVSPYGHRFVTGEQGMGHVVLSTRDDAEALHFY
RDVLGFRLRDSMRLPPQMVGRPADGPPAWLRFFGCNPRHHSLAFLPMPTSSGIVHLMVEVEQADDVGLCLDRALRRKVPM
SATLGRHVNDLMLSFYMKTPGGFDIEFGCEGRQVDDRDWIARESTAVSLWGHDFTVGARG
;
_entity_poly.pdbx_strand_id   A,B
#
loop_
_chem_comp.id
_chem_comp.type
_chem_comp.name
_chem_comp.formula
FE2 non-polymer 'FE (II) ION' 'Fe 2'
TAR non-polymer 'D(-)-TARTARIC ACID' 'C4 H6 O6'
#
# COMPACT_ATOMS: atom_id res chain seq x y z
N SER A 2 7.68 15.21 30.19
CA SER A 2 7.30 16.43 29.30
C SER A 2 8.68 16.94 29.07
N ILE A 3 9.06 17.19 27.82
CA ILE A 3 8.20 17.28 26.67
C ILE A 3 7.48 15.95 26.26
N ARG A 4 6.21 16.05 25.87
CA ARG A 4 5.39 14.86 25.53
C ARG A 4 5.12 14.63 24.06
N SER A 5 5.04 15.69 23.26
CA SER A 5 4.77 15.53 21.84
C SER A 5 5.04 16.81 21.04
N LEU A 6 5.20 16.64 19.73
CA LEU A 6 5.12 17.74 18.77
C LEU A 6 3.74 18.39 18.75
N GLY A 7 3.66 19.67 19.09
CA GLY A 7 2.39 20.39 19.18
C GLY A 7 2.00 21.09 17.89
N TYR A 8 2.93 21.87 17.35
CA TYR A 8 2.68 22.61 16.15
C TYR A 8 4.01 22.95 15.46
N LEU A 9 3.88 23.43 14.23
CA LEU A 9 5.00 23.93 13.42
C LEU A 9 4.58 25.26 12.87
N ARG A 10 5.44 26.26 13.04
CA ARG A 10 5.23 27.56 12.39
C ARG A 10 6.29 27.76 11.29
N ILE A 11 5.81 28.04 10.07
CA ILE A 11 6.70 28.24 8.93
C ILE A 11 6.34 29.55 8.23
N GLU A 12 7.34 30.12 7.55
CA GLU A 12 7.18 31.29 6.69
C GLU A 12 7.05 30.81 5.25
N ALA A 13 6.30 31.55 4.42
CA ALA A 13 6.04 31.14 3.04
C ALA A 13 5.96 32.34 2.07
N THR A 14 6.42 32.11 0.85
CA THR A 14 6.40 33.13 -0.20
C THR A 14 5.12 33.06 -1.01
N ASP A 15 4.38 31.95 -0.89
CA ASP A 15 3.19 31.76 -1.69
C ASP A 15 2.02 31.19 -0.85
N MET A 16 1.26 32.12 -0.27
CA MET A 16 0.18 31.79 0.65
C MET A 16 -0.97 31.13 -0.04
N ALA A 17 -1.26 31.52 -1.30
CA ALA A 17 -2.33 30.87 -2.07
C ALA A 17 -2.03 29.39 -2.35
N ALA A 18 -0.79 29.10 -2.71
CA ALA A 18 -0.37 27.74 -3.03
C ALA A 18 -0.50 26.84 -1.78
N TRP A 19 -0.05 27.34 -0.63
CA TRP A 19 -0.18 26.66 0.65
C TRP A 19 -1.63 26.39 1.05
N ARG A 20 -2.50 27.39 0.82
CA ARG A 20 -3.91 27.21 1.12
C ARG A 20 -4.51 26.09 0.27
N GLU A 21 -4.34 26.15 -1.06
CA GLU A 21 -4.82 25.11 -1.98
C GLU A 21 -4.24 23.73 -1.64
N TYR A 22 -2.97 23.67 -1.31
CA TYR A 22 -2.27 22.41 -0.99
C TYR A 22 -2.79 21.81 0.32
N GLY A 23 -2.81 22.59 1.40
CA GLY A 23 -3.35 22.12 2.69
C GLY A 23 -4.82 21.67 2.63
N LEU A 24 -5.63 22.39 1.86
CA LEU A 24 -7.04 22.04 1.71
C LEU A 24 -7.38 20.91 0.72
N LYS A 25 -6.76 20.93 -0.46
CA LYS A 25 -7.18 20.04 -1.54
C LYS A 25 -6.28 18.80 -1.68
N VAL A 26 -5.06 18.90 -1.19
CA VAL A 26 -4.16 17.75 -1.25
C VAL A 26 -4.13 17.10 0.15
N LEU A 27 -3.69 17.83 1.16
CA LEU A 27 -3.61 17.26 2.52
C LEU A 27 -4.98 16.93 3.15
N GLY A 28 -6.02 17.65 2.73
CA GLY A 28 -7.36 17.49 3.30
C GLY A 28 -7.39 17.91 4.77
N MET A 29 -6.54 18.88 5.13
CA MET A 29 -6.68 19.58 6.40
C MET A 29 -7.79 20.63 6.32
N VAL A 30 -8.16 21.14 7.47
CA VAL A 30 -9.22 22.11 7.56
C VAL A 30 -8.63 23.44 8.00
N GLU A 31 -9.12 24.52 7.42
CA GLU A 31 -8.68 25.84 7.82
C GLU A 31 -9.22 26.29 9.19
N GLY A 32 -8.32 26.80 10.01
CA GLY A 32 -8.65 27.36 11.30
C GLY A 32 -9.06 28.82 11.18
N LYS A 33 -9.76 29.33 12.19
CA LYS A 33 -10.19 30.72 12.23
C LYS A 33 -9.36 31.52 13.23
N GLY A 34 -9.35 32.84 13.04
CA GLY A 34 -8.70 33.75 13.99
C GLY A 34 -7.32 34.25 13.61
N ALA A 35 -6.80 33.77 12.47
CA ALA A 35 -5.43 34.10 12.03
C ALA A 35 -5.29 35.57 11.60
N PRO A 36 -4.09 36.19 11.80
CA PRO A 36 -3.62 37.48 11.22
C PRO A 36 -4.45 38.08 10.02
N GLU A 37 -4.06 39.20 9.38
CA GLU A 37 -2.78 39.49 8.67
C GLU A 37 -2.27 38.37 7.72
N GLY A 38 -3.22 37.81 6.97
CA GLY A 38 -2.95 36.96 5.81
C GLY A 38 -2.20 35.66 6.06
N ALA A 39 -2.24 35.20 7.32
CA ALA A 39 -1.65 33.94 7.72
C ALA A 39 -2.65 32.76 7.58
N LEU A 40 -2.14 31.54 7.58
CA LEU A 40 -2.96 30.34 7.39
C LEU A 40 -2.81 29.35 8.56
N TYR A 41 -3.95 28.93 9.11
CA TYR A 41 -4.00 27.91 10.16
C TYR A 41 -4.55 26.63 9.58
N LEU A 42 -3.76 25.58 9.61
CA LEU A 42 -4.21 24.28 9.09
C LEU A 42 -4.44 23.36 10.28
N ARG A 43 -5.63 22.78 10.32
CA ARG A 43 -6.06 21.94 11.44
C ARG A 43 -6.20 20.48 11.04
N MET A 44 -5.88 19.60 11.98
CA MET A 44 -5.95 18.17 11.83
C MET A 44 -6.82 17.52 12.92
N ASP A 45 -7.12 18.28 13.97
CA ASP A 45 -7.78 17.78 15.19
C ASP A 45 -8.31 18.94 16.05
N ASP A 46 -8.53 18.67 17.30
CA ASP A 46 -8.87 19.67 18.32
C ASP A 46 -7.93 20.86 18.52
N PHE A 47 -6.66 20.74 18.14
CA PHE A 47 -5.71 21.83 18.23
C PHE A 47 -6.24 23.03 17.41
N PRO A 48 -6.13 24.26 17.95
CA PRO A 48 -6.51 25.43 17.16
C PRO A 48 -5.77 25.48 15.80
N ALA A 49 -4.52 25.02 15.78
CA ALA A 49 -3.73 24.88 14.55
C ALA A 49 -2.59 23.92 14.82
N ARG A 50 -2.30 23.09 13.83
CA ARG A 50 -1.11 22.26 13.82
C ARG A 50 -0.02 22.83 12.88
N LEU A 51 -0.43 23.19 11.67
CA LEU A 51 0.48 23.83 10.73
C LEU A 51 0.03 25.28 10.56
N VAL A 52 0.87 26.19 11.02
CA VAL A 52 0.69 27.63 10.86
C VAL A 52 1.66 28.15 9.78
N VAL A 53 1.10 28.76 8.75
CA VAL A 53 1.88 29.33 7.64
C VAL A 53 1.74 30.87 7.65
N VAL A 54 2.85 31.57 7.85
CA VAL A 54 2.85 33.04 7.86
C VAL A 54 3.52 33.64 6.59
N PRO A 55 2.98 34.76 6.05
CA PRO A 55 3.62 35.30 4.84
C PRO A 55 4.98 35.93 5.12
N GLY A 56 5.92 35.78 4.20
CA GLY A 56 7.25 36.29 4.42
C GLY A 56 8.03 36.24 3.15
N GLU A 57 9.30 36.62 3.25
CA GLU A 57 10.18 36.67 2.08
C GLU A 57 10.94 35.35 1.84
N HIS A 58 10.88 34.46 2.84
CA HIS A 58 11.51 33.14 2.78
C HIS A 58 10.53 31.97 2.89
N ASP A 59 10.96 30.79 2.46
CA ASP A 59 10.24 29.54 2.71
C ASP A 59 11.08 28.76 3.70
N ARG A 60 10.71 28.85 4.98
CA ARG A 60 11.54 28.27 6.04
C ARG A 60 10.76 27.98 7.35
N LEU A 61 11.24 27.00 8.10
CA LEU A 61 10.78 26.76 9.46
C LEU A 61 11.07 28.00 10.30
N LEU A 62 10.08 28.45 11.05
CA LEU A 62 10.29 29.49 12.05
C LEU A 62 10.51 28.84 13.40
N GLU A 63 9.53 28.05 13.85
CA GLU A 63 9.57 27.42 15.18
C GLU A 63 8.86 26.09 15.17
N ALA A 64 9.31 25.16 15.99
CA ALA A 64 8.48 23.99 16.29
C ALA A 64 8.02 24.14 17.74
N GLY A 65 6.73 23.92 17.99
CA GLY A 65 6.14 24.00 19.34
C GLY A 65 6.01 22.59 19.92
N TRP A 66 6.51 22.44 21.14
CA TRP A 66 6.54 21.15 21.82
C TRP A 66 5.70 21.24 23.08
N GLU A 67 4.74 20.33 23.17
CA GLU A 67 3.79 20.29 24.26
C GLU A 67 4.25 19.47 25.49
N CYS A 68 4.09 20.04 26.68
CA CYS A 68 4.27 19.32 27.96
C CYS A 68 2.89 19.08 28.60
N ALA A 69 2.85 18.16 29.58
CA ALA A 69 1.61 17.69 30.22
C ALA A 69 0.96 18.78 31.12
N ASN A 70 1.80 19.66 31.66
CA ASN A 70 1.41 20.61 32.71
C ASN A 70 2.54 21.58 33.05
N ALA A 71 2.25 22.51 33.97
CA ALA A 71 3.20 23.48 34.48
C ALA A 71 4.48 22.80 35.02
N GLU A 72 4.36 21.71 35.78
CA GLU A 72 5.51 20.99 36.30
C GLU A 72 6.40 20.40 35.18
N GLY A 73 5.79 19.86 34.13
CA GLY A 73 6.54 19.30 33.01
C GLY A 73 7.31 20.38 32.24
N LEU A 74 6.73 21.58 32.16
CA LEU A 74 7.44 22.72 31.57
C LEU A 74 8.59 23.19 32.45
N GLN A 75 8.32 23.37 33.74
CA GLN A 75 9.38 23.69 34.68
C GLN A 75 10.57 22.71 34.61
N GLU A 76 10.27 21.42 34.44
CA GLU A 76 11.34 20.43 34.29
CA GLU A 76 11.34 20.43 34.29
C GLU A 76 12.25 20.76 33.09
N ILE A 77 11.66 21.20 31.98
CA ILE A 77 12.45 21.64 30.81
C ILE A 77 13.28 22.89 31.15
N ARG A 78 12.68 23.87 31.84
CA ARG A 78 13.44 25.03 32.37
C ARG A 78 14.70 24.64 33.16
N ASN A 79 14.55 23.68 34.07
CA ASN A 79 15.62 23.21 34.97
C ASN A 79 16.78 22.55 34.22
N ARG A 80 16.44 21.75 33.20
CA ARG A 80 17.43 21.19 32.27
C ARG A 80 18.20 22.25 31.48
N LEU A 81 17.47 23.23 30.95
CA LEU A 81 18.06 24.37 30.22
C LEU A 81 19.00 25.16 31.14
N ASP A 82 18.55 25.38 32.36
CA ASP A 82 19.37 26.10 33.34
C ASP A 82 20.65 25.37 33.73
N LEU A 83 20.54 24.05 33.88
CA LEU A 83 21.71 23.21 34.14
C LEU A 83 22.76 23.27 33.00
N GLU A 84 22.28 23.27 31.77
CA GLU A 84 23.16 23.38 30.59
C GLU A 84 23.65 24.81 30.33
N GLY A 85 22.90 25.80 30.76
CA GLY A 85 23.26 27.19 30.47
C GLY A 85 22.73 27.69 29.16
N THR A 86 21.72 27.00 28.62
CA THR A 86 21.06 27.39 27.39
C THR A 86 20.16 28.57 27.67
N PRO A 87 20.39 29.72 27.00
CA PRO A 87 19.49 30.85 27.22
C PRO A 87 18.08 30.58 26.69
N TYR A 88 17.09 31.02 27.46
CA TYR A 88 15.70 30.97 27.01
C TYR A 88 14.94 32.19 27.47
N LYS A 89 13.83 32.49 26.78
CA LYS A 89 12.96 33.59 27.17
C LYS A 89 11.55 33.08 27.42
N GLU A 90 10.89 33.68 28.40
CA GLU A 90 9.46 33.45 28.61
C GLU A 90 8.66 34.18 27.54
N ALA A 91 7.58 33.55 27.10
CA ALA A 91 6.72 34.18 26.13
C ALA A 91 6.19 35.51 26.68
N THR A 92 5.99 36.46 25.78
CA THR A 92 5.31 37.72 26.12
C THR A 92 3.82 37.42 26.23
N ALA A 93 3.07 38.32 26.87
CA ALA A 93 1.61 38.27 26.86
C ALA A 93 1.05 38.08 25.45
N ALA A 94 1.61 38.77 24.45
CA ALA A 94 1.10 38.68 23.07
C ALA A 94 1.40 37.33 22.41
N GLU A 95 2.58 36.78 22.66
CA GLU A 95 2.90 35.43 22.18
C GLU A 95 2.00 34.39 22.82
N LEU A 96 1.76 34.47 24.13
CA LEU A 96 0.86 33.47 24.79
C LEU A 96 -0.55 33.49 24.17
N ALA A 97 -1.06 34.70 23.92
CA ALA A 97 -2.40 34.86 23.31
C ALA A 97 -2.46 34.35 21.86
N ASP A 98 -1.43 34.63 21.07
CA ASP A 98 -1.36 34.16 19.68
C ASP A 98 -1.29 32.62 19.59
N ARG A 99 -0.42 32.00 20.40
CA ARG A 99 -0.27 30.54 20.40
C ARG A 99 -1.43 29.84 21.13
N ARG A 100 -2.10 30.59 22.01
CA ARG A 100 -3.24 30.10 22.82
C ARG A 100 -2.80 29.06 23.87
N VAL A 101 -1.72 29.41 24.57
CA VAL A 101 -1.13 28.54 25.56
C VAL A 101 -1.02 29.30 26.86
N ASP A 102 -0.88 28.56 27.95
CA ASP A 102 -0.85 29.14 29.27
C ASP A 102 0.56 29.62 29.67
N GLU A 103 1.57 28.77 29.49
CA GLU A 103 2.97 29.21 29.58
C GLU A 103 3.76 28.69 28.37
N MET A 104 4.84 29.39 28.01
CA MET A 104 5.74 28.94 26.95
C MET A 104 7.10 29.62 27.11
N ILE A 105 8.15 28.86 26.83
CA ILE A 105 9.51 29.37 26.70
C ILE A 105 9.99 29.22 25.25
N ARG A 106 10.92 30.09 24.85
CA ARG A 106 11.48 30.13 23.50
C ARG A 106 13.00 30.09 23.59
N PHE A 107 13.60 29.23 22.78
CA PHE A 107 15.06 29.06 22.77
C PHE A 107 15.45 28.35 21.51
N ALA A 108 16.76 28.17 21.31
CA ALA A 108 17.26 27.60 20.09
C ALA A 108 18.23 26.50 20.47
N ASP A 109 18.29 25.47 19.62
CA ASP A 109 19.32 24.45 19.76
C ASP A 109 20.66 25.02 19.24
N PRO A 110 21.79 24.31 19.46
CA PRO A 110 23.11 24.80 19.01
C PRO A 110 23.22 25.13 17.51
N SER A 111 22.41 24.48 16.68
CA SER A 111 22.39 24.79 15.26
C SER A 111 21.38 25.79 14.72
N GLY A 112 20.34 26.15 15.45
CA GLY A 112 20.04 27.43 15.99
C GLY A 112 18.57 27.29 15.48
N ASN A 113 18.11 26.02 15.42
CA ASN A 113 16.70 25.68 15.14
C ASN A 113 15.92 26.17 16.35
N CYS A 114 14.86 26.92 16.13
CA CYS A 114 14.13 27.51 17.27
C CYS A 114 13.01 26.62 17.78
N LEU A 115 12.95 26.50 19.11
CA LEU A 115 11.91 25.74 19.86
C LEU A 115 11.00 26.66 20.71
N GLU A 116 9.74 26.28 20.77
CA GLU A 116 8.79 26.82 21.72
C GLU A 116 8.28 25.62 22.52
N VAL A 117 8.39 25.70 23.84
CA VAL A 117 7.94 24.60 24.69
C VAL A 117 6.86 25.16 25.59
N PHE A 118 5.71 24.51 25.60
CA PHE A 118 4.52 25.07 26.21
C PHE A 118 3.68 24.05 27.01
N HIS A 119 2.73 24.57 27.79
CA HIS A 119 1.66 23.76 28.35
C HIS A 119 0.33 24.55 28.34
N GLY A 120 -0.77 23.81 28.47
CA GLY A 120 -2.08 24.41 28.75
C GLY A 120 -2.67 25.03 27.52
N THR A 121 -2.43 24.42 26.36
CA THR A 121 -3.07 24.92 25.14
C THR A 121 -4.61 24.92 25.26
N ALA A 122 -5.24 25.89 24.61
CA ALA A 122 -6.66 25.82 24.35
C ALA A 122 -6.88 24.78 23.24
N LEU A 123 -8.02 24.10 23.29
CA LEU A 123 -8.52 23.29 22.17
C LEU A 123 -9.84 23.87 21.63
N GLU A 124 -10.13 23.60 20.37
CA GLU A 124 -11.41 23.89 19.76
C GLU A 124 -12.18 22.57 19.63
N HIS A 125 -13.47 22.57 19.93
CA HIS A 125 -14.22 21.29 20.04
C HIS A 125 -15.19 20.88 18.95
N ARG A 126 -15.67 21.81 18.15
CA ARG A 126 -16.44 21.43 16.95
C ARG A 126 -15.67 20.42 16.09
N ARG A 127 -16.37 19.39 15.61
CA ARG A 127 -15.76 18.32 14.83
C ARG A 127 -15.01 18.86 13.62
N VAL A 128 -13.74 18.44 13.52
CA VAL A 128 -12.88 18.70 12.37
C VAL A 128 -13.12 17.57 11.38
N VAL A 129 -13.66 17.91 10.22
CA VAL A 129 -14.02 16.89 9.28
C VAL A 129 -13.30 17.14 7.93
N SER A 130 -12.36 16.27 7.58
CA SER A 130 -11.73 16.36 6.23
C SER A 130 -12.77 16.03 5.14
N PRO A 131 -12.86 16.87 4.08
CA PRO A 131 -13.75 16.56 2.96
C PRO A 131 -13.47 15.18 2.33
N TYR A 132 -12.26 14.65 2.55
CA TYR A 132 -11.84 13.39 1.90
C TYR A 132 -12.05 12.17 2.79
N GLY A 133 -12.50 12.38 4.02
CA GLY A 133 -12.98 11.28 4.85
C GLY A 133 -11.90 10.67 5.74
N HIS A 134 -10.66 11.14 5.63
CA HIS A 134 -9.64 10.60 6.49
C HIS A 134 -9.65 11.27 7.86
N ARG A 135 -9.19 10.53 8.85
CA ARG A 135 -8.83 11.09 10.15
C ARG A 135 -7.33 10.98 10.39
N PHE A 136 -6.75 12.07 10.89
CA PHE A 136 -5.33 12.09 11.25
C PHE A 136 -5.09 11.36 12.57
N VAL A 137 -3.92 10.74 12.69
CA VAL A 137 -3.54 10.08 13.94
C VAL A 137 -2.64 10.98 14.78
N THR A 138 -3.20 11.54 15.85
CA THR A 138 -2.46 12.41 16.75
C THR A 138 -2.51 11.89 18.18
N GLY A 139 -3.45 12.43 18.96
CA GLY A 139 -3.62 12.02 20.34
C GLY A 139 -2.33 12.13 21.14
N GLU A 140 -2.00 11.07 21.86
CA GLU A 140 -0.74 11.01 22.60
C GLU A 140 0.54 10.95 21.73
N GLN A 141 0.40 10.71 20.43
CA GLN A 141 1.56 10.75 19.54
C GLN A 141 1.87 12.17 18.99
N GLY A 142 0.99 13.12 19.28
CA GLY A 142 1.14 14.52 18.82
C GLY A 142 0.94 14.70 17.33
N MET A 143 1.41 15.84 16.81
CA MET A 143 1.14 16.26 15.43
C MET A 143 1.64 15.30 14.36
N GLY A 144 2.82 14.73 14.57
CA GLY A 144 3.45 13.88 13.56
C GLY A 144 4.90 13.85 13.96
N HIS A 145 5.81 13.87 12.98
CA HIS A 145 7.23 14.03 13.31
C HIS A 145 7.90 14.91 12.29
N VAL A 146 8.99 15.58 12.70
CA VAL A 146 9.73 16.45 11.78
C VAL A 146 11.23 16.06 11.76
N VAL A 147 11.81 16.03 10.57
CA VAL A 147 13.21 15.79 10.38
C VAL A 147 13.79 17.11 9.92
N LEU A 148 14.78 17.58 10.68
CA LEU A 148 15.38 18.90 10.48
C LEU A 148 16.86 18.76 10.19
N SER A 149 17.42 19.79 9.57
CA SER A 149 18.90 19.91 9.43
C SER A 149 19.61 20.18 10.75
N THR A 150 20.79 19.59 10.90
CA THR A 150 21.69 19.97 11.96
C THR A 150 23.09 20.26 11.34
N ARG A 151 23.84 21.16 11.96
CA ARG A 151 25.27 21.44 11.66
C ARG A 151 26.26 20.39 12.22
N ASP A 152 25.83 19.66 13.26
CA ASP A 152 26.74 18.78 14.00
C ASP A 152 25.91 17.72 14.73
N ASP A 153 25.93 16.48 14.23
CA ASP A 153 25.09 15.39 14.82
C ASP A 153 25.40 15.07 16.31
N ALA A 154 26.69 15.07 16.68
CA ALA A 154 27.10 14.81 18.10
C ALA A 154 26.58 15.88 19.05
N GLU A 155 26.65 17.11 18.59
CA GLU A 155 26.11 18.26 19.29
C GLU A 155 24.58 18.14 19.42
N ALA A 156 23.89 17.78 18.32
CA ALA A 156 22.43 17.59 18.36
C ALA A 156 22.06 16.48 19.36
N LEU A 157 22.78 15.35 19.28
CA LEU A 157 22.59 14.22 20.22
C LEU A 157 22.70 14.68 21.68
N HIS A 158 23.72 15.49 21.96
CA HIS A 158 23.89 16.03 23.31
C HIS A 158 22.70 16.89 23.77
N PHE A 159 22.29 17.85 22.93
CA PHE A 159 21.22 18.77 23.29
C PHE A 159 19.85 18.07 23.40
N TYR A 160 19.51 17.23 22.44
CA TYR A 160 18.21 16.60 22.47
C TYR A 160 18.08 15.45 23.50
N ARG A 161 19.08 14.59 23.60
CA ARG A 161 19.03 13.49 24.55
C ARG A 161 19.46 13.89 25.97
N ASP A 162 20.71 14.39 26.10
CA ASP A 162 21.30 14.63 27.42
C ASP A 162 20.66 15.86 28.09
N VAL A 163 20.44 16.92 27.32
CA VAL A 163 19.88 18.16 27.87
C VAL A 163 18.35 18.11 27.94
N LEU A 164 17.67 17.96 26.79
CA LEU A 164 16.21 17.98 26.72
C LEU A 164 15.51 16.69 27.18
N GLY A 165 16.21 15.56 27.13
CA GLY A 165 15.67 14.28 27.62
C GLY A 165 14.85 13.43 26.65
N PHE A 166 14.96 13.72 25.35
CA PHE A 166 14.35 12.84 24.35
C PHE A 166 15.10 11.52 24.43
N ARG A 167 14.44 10.45 24.02
CA ARG A 167 15.13 9.16 23.88
C ARG A 167 15.68 8.97 22.49
N LEU A 168 16.88 8.39 22.42
CA LEU A 168 17.41 7.96 21.13
C LEU A 168 16.67 6.69 20.71
N ARG A 169 16.00 6.77 19.57
CA ARG A 169 15.19 5.67 19.08
C ARG A 169 15.85 4.84 17.96
N ASP A 170 16.58 5.52 17.06
CA ASP A 170 17.19 4.87 15.90
C ASP A 170 18.35 5.75 15.40
N SER A 171 19.32 5.13 14.72
CA SER A 171 20.45 5.85 14.11
C SER A 171 20.77 5.24 12.75
N MET A 172 21.11 6.09 11.77
CA MET A 172 21.53 5.60 10.46
C MET A 172 22.76 6.39 10.04
N ARG A 173 23.79 5.69 9.58
CA ARG A 173 25.03 6.34 9.11
C ARG A 173 24.92 6.80 7.67
N LEU A 174 25.65 7.87 7.37
CA LEU A 174 25.67 8.46 6.04
C LEU A 174 27.13 8.45 5.57
N PRO A 175 27.40 7.97 4.35
CA PRO A 175 28.81 7.94 3.88
C PRO A 175 29.40 9.36 3.95
N PRO A 176 30.72 9.47 4.23
CA PRO A 176 31.34 10.82 4.38
C PRO A 176 31.16 11.72 3.14
N GLN A 177 31.20 11.15 1.93
CA GLN A 177 30.98 11.93 0.68
C GLN A 177 29.64 12.64 0.71
N MET A 178 28.63 11.99 1.28
CA MET A 178 27.26 12.53 1.22
C MET A 178 27.13 13.81 2.05
N VAL A 179 28.02 13.95 3.02
CA VAL A 179 27.97 15.05 3.94
C VAL A 179 29.11 16.04 3.73
N GLY A 180 29.75 15.96 2.56
CA GLY A 180 30.85 16.88 2.22
C GLY A 180 32.18 16.62 2.91
N ARG A 181 32.36 15.44 3.48
CA ARG A 181 33.62 15.00 4.04
C ARG A 181 34.44 14.21 2.99
N PRO A 182 35.77 14.16 3.16
CA PRO A 182 36.60 13.35 2.27
C PRO A 182 36.22 11.88 2.34
N ALA A 183 36.44 11.16 1.24
CA ALA A 183 36.11 9.74 1.14
C ALA A 183 36.83 8.92 2.22
N ASP A 184 37.97 9.41 2.68
CA ASP A 184 38.78 8.75 3.72
C ASP A 184 38.29 8.96 5.16
N GLY A 185 37.36 9.86 5.45
CA GLY A 185 37.02 9.98 6.88
C GLY A 185 35.58 9.61 7.16
N PRO A 186 35.07 9.98 8.33
CA PRO A 186 34.36 9.08 9.23
C PRO A 186 32.89 9.27 8.72
N PRO A 187 32.01 8.27 8.86
CA PRO A 187 30.62 8.59 8.48
C PRO A 187 29.93 9.59 9.44
N ALA A 188 28.85 10.21 8.98
CA ALA A 188 28.06 11.06 9.86
C ALA A 188 26.75 10.33 10.19
N TRP A 189 25.95 10.89 11.10
CA TRP A 189 24.81 10.15 11.68
C TRP A 189 23.48 10.89 11.63
N LEU A 190 22.48 10.22 11.08
CA LEU A 190 21.10 10.66 11.16
C LEU A 190 20.48 9.96 12.39
N ARG A 191 20.03 10.74 13.34
CA ARG A 191 19.49 10.19 14.58
C ARG A 191 18.04 10.59 14.79
N PHE A 192 17.24 9.62 15.23
CA PHE A 192 15.78 9.75 15.44
C PHE A 192 15.48 9.77 16.94
N PHE A 193 14.62 10.70 17.38
CA PHE A 193 14.36 11.00 18.81
C PHE A 193 12.91 10.84 19.18
N GLY A 194 12.67 10.24 20.34
CA GLY A 194 11.29 10.02 20.79
C GLY A 194 10.98 10.69 22.10
N CYS A 195 9.73 11.14 22.22
CA CYS A 195 9.24 11.76 23.44
C CYS A 195 7.93 11.09 23.91
N ASN A 196 7.47 10.13 23.12
CA ASN A 196 6.19 9.44 23.34
C ASN A 196 6.18 8.15 22.52
N PRO A 197 5.08 7.37 22.57
CA PRO A 197 5.12 6.08 21.83
C PRO A 197 5.38 6.16 20.30
N ARG A 198 5.15 7.32 19.68
CA ARG A 198 5.42 7.50 18.25
C ARG A 198 6.93 7.24 18.08
N HIS A 199 7.30 6.33 17.19
CA HIS A 199 8.69 5.85 17.08
C HIS A 199 9.67 7.04 17.18
N HIS A 200 9.44 8.06 16.35
CA HIS A 200 10.11 9.34 16.50
C HIS A 200 9.18 10.51 16.28
N SER A 201 9.42 11.58 17.06
CA SER A 201 8.75 12.86 16.85
C SER A 201 9.69 13.86 16.14
N LEU A 202 10.98 13.53 16.12
CA LEU A 202 12.02 14.49 15.75
C LEU A 202 13.25 13.70 15.27
N ALA A 203 13.88 14.16 14.18
CA ALA A 203 15.18 13.60 13.74
C ALA A 203 16.05 14.70 13.16
N PHE A 204 17.36 14.46 13.12
CA PHE A 204 18.30 15.48 12.62
C PHE A 204 19.21 14.89 11.54
N LEU A 205 19.10 15.45 10.35
CA LEU A 205 19.98 15.16 9.24
C LEU A 205 21.14 16.17 9.19
N PRO A 206 22.39 15.69 9.25
CA PRO A 206 23.56 16.58 9.23
C PRO A 206 23.94 17.03 7.79
N MET A 207 22.95 17.55 7.08
CA MET A 207 23.06 18.06 5.70
C MET A 207 22.13 19.27 5.64
N PRO A 208 22.52 20.32 4.89
CA PRO A 208 21.74 21.56 4.91
C PRO A 208 20.50 21.50 4.03
N THR A 209 19.50 22.32 4.34
CA THR A 209 18.31 22.43 3.50
C THR A 209 17.95 23.90 3.42
N SER A 210 17.29 24.35 2.36
CA SER A 210 16.98 25.80 2.31
C SER A 210 15.92 26.21 3.32
N SER A 211 14.97 25.32 3.62
CA SER A 211 13.93 25.58 4.62
C SER A 211 14.31 25.26 6.06
N GLY A 212 15.30 24.38 6.25
CA GLY A 212 15.60 23.84 7.57
C GLY A 212 14.85 22.53 7.79
N ILE A 213 13.80 22.30 7.00
CA ILE A 213 13.04 21.05 7.09
C ILE A 213 13.44 20.06 5.99
N VAL A 214 13.71 18.82 6.43
CA VAL A 214 13.95 17.68 5.55
C VAL A 214 12.59 17.04 5.16
N HIS A 215 11.83 16.56 6.14
CA HIS A 215 10.42 16.21 5.90
C HIS A 215 9.56 16.46 7.12
N LEU A 216 8.28 16.71 6.87
CA LEU A 216 7.25 16.71 7.91
C LEU A 216 6.37 15.50 7.60
N MET A 217 6.13 14.61 8.59
CA MET A 217 5.23 13.48 8.41
C MET A 217 3.92 13.77 9.13
N VAL A 218 2.81 13.64 8.42
CA VAL A 218 1.51 13.55 9.05
C VAL A 218 0.93 12.16 8.76
N GLU A 219 0.20 11.61 9.73
CA GLU A 219 -0.29 10.23 9.68
C GLU A 219 -1.83 10.19 9.67
N VAL A 220 -2.39 9.34 8.85
CA VAL A 220 -3.83 9.06 8.81
C VAL A 220 -4.07 7.59 9.23
N GLU A 221 -5.32 7.24 9.49
CA GLU A 221 -5.64 5.93 10.07
C GLU A 221 -5.37 4.70 9.18
N GLN A 222 -5.60 4.85 7.86
CA GLN A 222 -5.70 3.73 6.91
C GLN A 222 -4.84 3.94 5.64
N ALA A 223 -4.37 2.82 5.06
CA ALA A 223 -3.65 2.83 3.80
C ALA A 223 -4.48 3.48 2.69
N ASP A 224 -5.80 3.26 2.69
CA ASP A 224 -6.69 3.92 1.71
C ASP A 224 -6.63 5.44 1.77
N ASP A 225 -6.53 5.99 2.98
CA ASP A 225 -6.35 7.44 3.14
C ASP A 225 -5.08 7.94 2.42
N VAL A 226 -4.00 7.16 2.59
CA VAL A 226 -2.72 7.44 1.94
C VAL A 226 -2.86 7.35 0.42
N GLY A 227 -3.46 6.27 -0.05
CA GLY A 227 -3.60 6.03 -1.50
C GLY A 227 -4.50 7.06 -2.15
N LEU A 228 -5.56 7.48 -1.46
CA LEU A 228 -6.44 8.56 -1.98
C LEU A 228 -5.72 9.91 -2.03
N CYS A 229 -4.90 10.17 -1.03
CA CYS A 229 -4.10 11.36 -1.01
C CYS A 229 -3.09 11.41 -2.19
N LEU A 230 -2.47 10.27 -2.45
CA LEU A 230 -1.55 10.14 -3.58
C LEU A 230 -2.29 10.50 -4.87
N ASP A 231 -3.46 9.92 -5.06
CA ASP A 231 -4.29 10.28 -6.24
C ASP A 231 -4.62 11.77 -6.41
N ARG A 232 -4.89 12.46 -5.30
CA ARG A 232 -5.18 13.91 -5.28
C ARG A 232 -3.94 14.71 -5.64
N ALA A 233 -2.82 14.36 -5.04
CA ALA A 233 -1.53 14.95 -5.36
C ALA A 233 -1.17 14.75 -6.85
N LEU A 234 -1.32 13.53 -7.36
CA LEU A 234 -1.06 13.23 -8.78
C LEU A 234 -1.91 14.09 -9.73
N ARG A 235 -3.21 14.17 -9.45
CA ARG A 235 -4.18 14.94 -10.24
C ARG A 235 -3.78 16.40 -10.25
N ARG A 236 -3.26 16.89 -9.12
CA ARG A 236 -2.85 18.29 -8.99
C ARG A 236 -1.39 18.58 -9.35
N LYS A 237 -0.71 17.58 -9.94
CA LYS A 237 0.68 17.72 -10.39
C LYS A 237 1.62 18.20 -9.26
N VAL A 238 1.36 17.72 -8.05
CA VAL A 238 2.30 17.92 -6.94
C VAL A 238 3.55 17.10 -7.28
N PRO A 239 4.74 17.72 -7.18
CA PRO A 239 5.97 16.97 -7.48
C PRO A 239 6.22 15.86 -6.43
N MET A 240 6.49 14.66 -6.92
CA MET A 240 6.74 13.49 -6.07
C MET A 240 8.18 13.44 -5.63
N SER A 241 8.42 13.01 -4.39
CA SER A 241 9.79 12.81 -3.84
C SER A 241 10.15 11.35 -3.59
N ALA A 242 9.19 10.53 -3.13
CA ALA A 242 9.38 9.09 -3.02
C ALA A 242 8.08 8.37 -3.26
N THR A 243 8.17 7.22 -3.94
CA THR A 243 7.02 6.38 -4.21
C THR A 243 6.51 5.75 -2.88
N LEU A 244 5.34 5.13 -2.94
CA LEU A 244 4.78 4.41 -1.78
C LEU A 244 5.78 3.36 -1.29
N GLY A 245 5.92 3.25 0.04
CA GLY A 245 6.83 2.24 0.61
C GLY A 245 6.57 2.09 2.10
N ARG A 246 7.32 1.19 2.73
CA ARG A 246 7.33 1.11 4.18
C ARG A 246 8.74 1.27 4.73
N HIS A 247 8.87 2.14 5.74
CA HIS A 247 10.14 2.36 6.37
C HIS A 247 10.53 1.21 7.26
N VAL A 248 11.84 1.05 7.35
CA VAL A 248 12.41 0.09 8.25
C VAL A 248 12.15 0.49 9.70
N ASN A 249 12.48 1.72 10.07
CA ASN A 249 12.57 2.01 11.51
C ASN A 249 11.23 2.20 12.22
N ASP A 250 10.35 2.99 11.62
CA ASP A 250 9.05 3.21 12.21
C ASP A 250 7.91 2.48 11.50
N LEU A 251 8.25 1.62 10.53
CA LEU A 251 7.25 0.83 9.79
C LEU A 251 6.17 1.69 9.15
N MET A 252 6.41 2.99 8.95
CA MET A 252 5.40 3.83 8.32
C MET A 252 5.24 3.51 6.84
N LEU A 253 3.98 3.27 6.45
CA LEU A 253 3.57 3.10 5.07
C LEU A 253 3.12 4.46 4.53
N SER A 254 3.88 4.99 3.57
CA SER A 254 3.78 6.40 3.18
C SER A 254 4.36 6.68 1.78
N PHE A 255 4.07 7.86 1.25
CA PHE A 255 4.78 8.38 0.07
C PHE A 255 5.25 9.78 0.50
N TYR A 256 6.19 10.35 -0.26
CA TYR A 256 6.72 11.65 0.02
C TYR A 256 6.45 12.56 -1.16
N MET A 257 6.13 13.81 -0.85
CA MET A 257 5.80 14.78 -1.89
C MET A 257 6.30 16.15 -1.51
N LYS A 258 6.63 16.94 -2.53
CA LYS A 258 7.09 18.31 -2.31
C LYS A 258 5.95 19.24 -1.89
N THR A 259 6.19 20.06 -0.87
CA THR A 259 5.21 21.06 -0.51
C THR A 259 5.52 22.38 -1.24
N PRO A 260 4.58 23.35 -1.16
CA PRO A 260 4.85 24.70 -1.70
C PRO A 260 6.01 25.40 -1.02
N GLY A 261 6.43 24.90 0.14
CA GLY A 261 7.60 25.44 0.84
C GLY A 261 8.94 24.82 0.44
N GLY A 262 8.90 23.85 -0.45
CA GLY A 262 10.10 23.26 -0.97
C GLY A 262 10.64 22.05 -0.20
N PHE A 263 10.09 21.77 0.98
CA PHE A 263 10.46 20.60 1.77
C PHE A 263 9.42 19.52 1.51
N ASP A 264 9.72 18.28 1.88
CA ASP A 264 8.77 17.19 1.69
C ASP A 264 7.77 17.07 2.82
N ILE A 265 6.56 16.67 2.44
CA ILE A 265 5.66 16.05 3.38
C ILE A 265 5.61 14.54 3.09
N GLU A 266 5.84 13.79 4.17
CA GLU A 266 5.49 12.37 4.22
C GLU A 266 4.05 12.17 4.72
N PHE A 267 3.24 11.47 3.95
CA PHE A 267 1.82 11.26 4.24
C PHE A 267 1.65 9.75 4.45
N GLY A 268 1.53 9.34 5.73
CA GLY A 268 1.70 7.94 6.10
C GLY A 268 0.60 7.34 6.97
N CYS A 269 0.76 6.04 7.25
CA CYS A 269 -0.13 5.31 8.16
C CYS A 269 0.66 4.17 8.82
N GLU A 270 0.10 3.60 9.88
CA GLU A 270 0.64 2.41 10.54
C GLU A 270 1.99 2.61 11.18
N GLY A 271 2.20 3.78 11.79
CA GLY A 271 3.42 4.06 12.47
C GLY A 271 3.60 3.16 13.67
N ARG A 272 4.79 2.61 13.81
CA ARG A 272 5.10 1.73 14.94
C ARG A 272 5.10 2.53 16.24
N GLN A 273 4.62 1.91 17.31
CA GLN A 273 4.59 2.52 18.62
C GLN A 273 5.62 1.80 19.50
N VAL A 274 6.29 2.56 20.34
CA VAL A 274 7.45 2.10 21.07
C VAL A 274 7.16 2.24 22.55
N ASP A 275 7.57 1.23 23.34
CA ASP A 275 7.64 1.28 24.79
C ASP A 275 9.11 1.41 25.24
N ASP A 276 9.44 2.52 25.87
CA ASP A 276 10.80 2.82 26.35
C ASP A 276 11.36 1.79 27.33
N ARG A 277 10.47 1.07 28.00
CA ARG A 277 10.90 0.03 28.96
C ARG A 277 11.58 -1.13 28.25
N ASP A 278 11.18 -1.41 27.02
CA ASP A 278 11.86 -2.47 26.28
C ASP A 278 12.62 -2.06 25.01
N TRP A 279 12.43 -0.85 24.50
CA TRP A 279 13.08 -0.46 23.24
C TRP A 279 14.60 -0.50 23.34
N ILE A 280 15.23 -1.14 22.36
CA ILE A 280 16.70 -1.22 22.20
C ILE A 280 17.10 -0.27 21.03
N ALA A 281 17.85 0.80 21.36
CA ALA A 281 18.36 1.75 20.36
C ALA A 281 19.47 1.08 19.54
N ARG A 282 19.20 0.93 18.25
CA ARG A 282 20.11 0.22 17.36
C ARG A 282 20.43 1.08 16.11
N GLU A 283 21.30 0.56 15.24
CA GLU A 283 21.55 1.16 13.92
C GLU A 283 20.75 0.49 12.80
N SER A 284 19.93 1.26 12.11
CA SER A 284 19.23 0.77 10.93
C SER A 284 20.10 1.02 9.69
N THR A 285 20.08 0.07 8.74
CA THR A 285 21.03 0.04 7.60
C THR A 285 20.35 0.20 6.23
N ALA A 286 19.06 0.53 6.24
CA ALA A 286 18.31 0.78 5.01
C ALA A 286 17.19 1.73 5.42
N VAL A 287 16.70 2.51 4.47
CA VAL A 287 15.68 3.48 4.77
C VAL A 287 14.34 2.72 4.81
N SER A 288 14.13 1.86 3.83
CA SER A 288 12.85 1.25 3.63
C SER A 288 12.97 -0.26 3.42
N LEU A 289 11.92 -0.97 3.83
CA LEU A 289 11.75 -2.39 3.54
C LEU A 289 11.43 -2.62 2.06
N TRP A 290 10.58 -1.77 1.50
CA TRP A 290 10.25 -1.82 0.07
C TRP A 290 9.73 -0.44 -0.34
N GLY A 291 9.76 -0.18 -1.66
CA GLY A 291 9.28 1.09 -2.21
C GLY A 291 10.08 2.28 -1.74
N HIS A 292 9.42 3.43 -1.61
CA HIS A 292 10.10 4.66 -1.21
C HIS A 292 11.30 4.92 -2.12
N ASP A 293 11.02 4.90 -3.44
CA ASP A 293 12.07 5.22 -4.42
C ASP A 293 12.27 6.74 -4.43
N PHE A 294 13.35 7.17 -3.78
CA PHE A 294 13.63 8.59 -3.67
C PHE A 294 14.30 9.19 -4.92
N THR A 295 14.43 8.39 -5.99
CA THR A 295 14.90 8.94 -7.29
C THR A 295 13.75 9.51 -8.10
N VAL A 296 12.50 9.27 -7.67
CA VAL A 296 11.37 9.73 -8.49
C VAL A 296 11.31 11.23 -8.80
N GLY A 297 11.86 12.09 -7.97
CA GLY A 297 11.78 13.55 -8.21
C GLY A 297 12.42 14.08 -9.50
N SER B 2 -21.26 -29.48 -6.63
CA SER B 2 -20.97 -28.07 -6.98
C SER B 2 -19.47 -27.91 -7.09
N ILE B 3 -19.07 -26.89 -7.81
CA ILE B 3 -17.68 -26.53 -7.78
C ILE B 3 -17.37 -25.62 -6.55
N ARG B 4 -16.26 -25.90 -5.87
CA ARG B 4 -15.88 -25.18 -4.66
C ARG B 4 -14.79 -24.10 -4.83
N SER B 5 -13.85 -24.29 -5.74
CA SER B 5 -12.77 -23.30 -5.93
C SER B 5 -11.99 -23.54 -7.21
N LEU B 6 -11.24 -22.51 -7.64
CA LEU B 6 -10.28 -22.66 -8.74
C LEU B 6 -9.10 -23.52 -8.23
N GLY B 7 -8.86 -24.68 -8.84
CA GLY B 7 -7.77 -25.59 -8.43
C GLY B 7 -6.44 -25.29 -9.09
N TYR B 8 -6.46 -25.16 -10.42
CA TYR B 8 -5.24 -24.99 -11.18
C TYR B 8 -5.50 -24.27 -12.50
N LEU B 9 -4.41 -23.79 -13.10
CA LEU B 9 -4.48 -23.17 -14.40
C LEU B 9 -3.39 -23.81 -15.24
N ARG B 10 -3.77 -24.34 -16.41
CA ARG B 10 -2.77 -24.87 -17.35
C ARG B 10 -2.67 -23.92 -18.55
N ILE B 11 -1.46 -23.46 -18.83
CA ILE B 11 -1.18 -22.55 -19.93
C ILE B 11 -0.08 -23.11 -20.84
N GLU B 12 -0.15 -22.74 -22.11
CA GLU B 12 0.89 -23.04 -23.08
C GLU B 12 1.76 -21.82 -23.18
N ALA B 13 3.05 -22.02 -23.44
CA ALA B 13 4.02 -20.92 -23.50
C ALA B 13 5.06 -21.11 -24.60
N THR B 14 5.57 -19.99 -25.11
CA THR B 14 6.57 -19.96 -26.17
C THR B 14 7.95 -19.78 -25.58
N ASP B 15 8.02 -19.40 -24.30
CA ASP B 15 9.30 -19.16 -23.66
C ASP B 15 9.35 -19.68 -22.22
N MET B 16 9.80 -20.93 -22.11
CA MET B 16 9.79 -21.68 -20.88
C MET B 16 10.79 -21.14 -19.89
N ALA B 17 11.93 -20.67 -20.42
CA ALA B 17 12.98 -20.10 -19.60
C ALA B 17 12.54 -18.78 -18.95
N ALA B 18 11.75 -17.99 -19.67
CA ALA B 18 11.23 -16.73 -19.14
C ALA B 18 10.24 -17.01 -17.98
N TRP B 19 9.33 -17.95 -18.20
CA TRP B 19 8.39 -18.39 -17.17
C TRP B 19 9.01 -18.99 -15.90
N ARG B 20 10.07 -19.80 -16.04
CA ARG B 20 10.73 -20.38 -14.88
CA ARG B 20 10.76 -20.37 -14.88
C ARG B 20 11.40 -19.27 -14.04
N GLU B 21 12.03 -18.31 -14.71
CA GLU B 21 12.70 -17.22 -14.02
C GLU B 21 11.69 -16.28 -13.31
N TYR B 22 10.62 -15.97 -14.01
CA TYR B 22 9.53 -15.11 -13.51
C TYR B 22 8.80 -15.79 -12.33
N GLY B 23 8.47 -17.07 -12.50
CA GLY B 23 7.77 -17.84 -11.48
C GLY B 23 8.55 -17.90 -10.18
N LEU B 24 9.86 -18.15 -10.29
CA LEU B 24 10.77 -18.30 -9.15
C LEU B 24 11.24 -17.00 -8.54
N LYS B 25 11.66 -16.05 -9.37
CA LYS B 25 12.34 -14.85 -8.89
C LYS B 25 11.45 -13.61 -8.72
N VAL B 26 10.29 -13.59 -9.40
CA VAL B 26 9.32 -12.51 -9.27
C VAL B 26 8.14 -12.96 -8.41
N LEU B 27 7.38 -13.96 -8.83
CA LEU B 27 6.23 -14.45 -8.02
C LEU B 27 6.62 -15.11 -6.69
N GLY B 28 7.85 -15.61 -6.63
CA GLY B 28 8.32 -16.34 -5.44
C GLY B 28 7.53 -17.61 -5.22
N MET B 29 7.06 -18.22 -6.29
CA MET B 29 6.55 -19.59 -6.21
C MET B 29 7.70 -20.58 -6.22
N VAL B 30 7.39 -21.83 -5.90
CA VAL B 30 8.37 -22.90 -5.76
C VAL B 30 8.12 -23.93 -6.86
N GLU B 31 9.19 -24.45 -7.45
CA GLU B 31 9.04 -25.42 -8.54
C GLU B 31 8.60 -26.79 -8.00
N GLY B 32 7.58 -27.37 -8.63
CA GLY B 32 7.12 -28.71 -8.26
C GLY B 32 7.96 -29.80 -8.91
N LYS B 33 7.65 -31.05 -8.61
CA LYS B 33 8.38 -32.20 -9.13
C LYS B 33 7.51 -33.05 -10.04
N GLY B 34 8.15 -33.81 -10.93
CA GLY B 34 7.47 -34.83 -11.74
C GLY B 34 6.79 -34.31 -12.99
N ALA B 35 7.09 -33.05 -13.34
CA ALA B 35 6.56 -32.43 -14.54
C ALA B 35 7.06 -33.17 -15.77
N PRO B 36 6.19 -33.37 -16.79
CA PRO B 36 6.60 -34.06 -18.01
C PRO B 36 7.76 -33.36 -18.71
N GLU B 37 7.98 -33.70 -19.98
CA GLU B 37 9.12 -33.20 -20.76
C GLU B 37 9.12 -31.69 -20.92
N GLY B 38 10.03 -31.02 -20.21
CA GLY B 38 10.18 -29.57 -20.32
C GLY B 38 9.03 -28.67 -19.83
N ALA B 39 8.06 -29.25 -19.13
CA ALA B 39 6.97 -28.49 -18.53
C ALA B 39 7.41 -27.91 -17.17
N LEU B 40 6.69 -26.91 -16.70
CA LEU B 40 7.02 -26.21 -15.48
C LEU B 40 5.82 -26.28 -14.53
N TYR B 41 6.04 -26.77 -13.30
CA TYR B 41 5.00 -26.78 -12.26
C TYR B 41 5.32 -25.73 -11.22
N LEU B 42 4.47 -24.72 -11.07
CA LEU B 42 4.66 -23.70 -10.03
C LEU B 42 3.66 -23.94 -8.90
N ARG B 43 4.21 -23.98 -7.68
CA ARG B 43 3.48 -24.32 -6.47
C ARG B 43 3.40 -23.12 -5.51
N MET B 44 2.30 -23.05 -4.82
CA MET B 44 1.93 -22.01 -3.91
C MET B 44 1.62 -22.55 -2.50
N ASP B 45 1.40 -23.84 -2.42
CA ASP B 45 0.83 -24.53 -1.26
C ASP B 45 0.95 -26.07 -1.44
N ASP B 46 0.17 -26.85 -0.69
CA ASP B 46 0.12 -28.24 -0.78
CA ASP B 46 0.15 -28.24 -0.79
C ASP B 46 -0.34 -28.84 -2.16
N PHE B 47 -1.04 -28.13 -3.02
CA PHE B 47 -1.27 -28.59 -4.39
C PHE B 47 0.05 -29.01 -5.06
N PRO B 48 0.06 -30.15 -5.75
CA PRO B 48 1.26 -30.52 -6.49
C PRO B 48 1.68 -29.45 -7.53
N ALA B 49 0.71 -28.74 -8.10
CA ALA B 49 0.95 -27.52 -8.90
C ALA B 49 -0.32 -26.65 -8.93
N ARG B 50 -0.11 -25.34 -8.92
CA ARG B 50 -1.24 -24.41 -9.14
C ARG B 50 -1.17 -23.81 -10.56
N LEU B 51 0.02 -23.44 -11.00
CA LEU B 51 0.23 -22.92 -12.34
C LEU B 51 1.15 -23.88 -13.07
N VAL B 52 0.58 -24.55 -14.08
CA VAL B 52 1.26 -25.51 -14.98
C VAL B 52 1.56 -24.81 -16.31
N VAL B 53 2.85 -24.73 -16.67
CA VAL B 53 3.23 -24.10 -17.93
C VAL B 53 3.83 -25.16 -18.85
N VAL B 54 3.19 -25.37 -20.00
CA VAL B 54 3.70 -26.35 -20.98
C VAL B 54 4.24 -25.68 -22.27
N PRO B 55 5.31 -26.24 -22.86
CA PRO B 55 5.88 -25.71 -24.11
C PRO B 55 4.86 -25.73 -25.25
N GLY B 56 4.81 -24.65 -26.01
CA GLY B 56 3.97 -24.63 -27.20
C GLY B 56 4.25 -23.49 -28.15
N GLU B 57 3.37 -23.40 -29.15
CA GLU B 57 3.47 -22.42 -30.24
C GLU B 57 2.79 -21.12 -29.95
N HIS B 58 1.97 -21.10 -28.91
CA HIS B 58 1.27 -19.90 -28.52
C HIS B 58 1.42 -19.63 -27.01
N ASP B 59 1.11 -18.40 -26.62
CA ASP B 59 0.90 -18.06 -25.21
C ASP B 59 -0.61 -17.95 -24.97
N ARG B 60 -1.15 -18.99 -24.35
CA ARG B 60 -2.57 -19.21 -24.36
C ARG B 60 -2.98 -20.05 -23.15
N LEU B 61 -4.16 -19.74 -22.60
CA LEU B 61 -4.86 -20.61 -21.67
C LEU B 61 -5.11 -21.97 -22.33
N LEU B 62 -4.80 -23.05 -21.62
CA LEU B 62 -5.28 -24.38 -22.05
C LEU B 62 -6.61 -24.75 -21.37
N GLU B 63 -6.58 -24.93 -20.04
CA GLU B 63 -7.78 -25.21 -19.27
C GLU B 63 -7.66 -24.59 -17.88
N ALA B 64 -8.82 -24.29 -17.28
CA ALA B 64 -8.88 -24.02 -15.85
C ALA B 64 -9.43 -25.27 -15.13
N GLY B 65 -8.73 -25.74 -14.10
CA GLY B 65 -9.21 -26.87 -13.27
C GLY B 65 -10.01 -26.35 -12.09
N TRP B 66 -11.21 -26.87 -11.93
CA TRP B 66 -12.15 -26.47 -10.90
C TRP B 66 -12.32 -27.64 -9.94
N GLU B 67 -12.04 -27.36 -8.67
CA GLU B 67 -12.15 -28.37 -7.61
C GLU B 67 -13.54 -28.47 -6.99
N CYS B 68 -14.05 -29.70 -6.90
CA CYS B 68 -15.26 -30.03 -6.13
C CYS B 68 -14.84 -30.73 -4.79
N ALA B 69 -15.77 -30.82 -3.84
CA ALA B 69 -15.46 -31.32 -2.48
C ALA B 69 -15.31 -32.85 -2.45
N ASN B 70 -15.98 -33.53 -3.38
CA ASN B 70 -16.10 -35.01 -3.37
C ASN B 70 -16.74 -35.55 -4.66
N ALA B 71 -16.90 -36.88 -4.76
CA ALA B 71 -17.57 -37.51 -5.90
C ALA B 71 -19.01 -37.00 -6.15
N GLU B 72 -19.79 -36.81 -5.07
CA GLU B 72 -21.15 -36.25 -5.20
C GLU B 72 -21.18 -34.85 -5.74
N GLY B 73 -20.22 -34.01 -5.32
CA GLY B 73 -20.10 -32.65 -5.90
C GLY B 73 -19.82 -32.67 -7.39
N LEU B 74 -18.97 -33.60 -7.83
CA LEU B 74 -18.66 -33.71 -9.26
C LEU B 74 -19.88 -34.23 -10.05
N GLN B 75 -20.58 -35.23 -9.50
CA GLN B 75 -21.80 -35.74 -10.09
C GLN B 75 -22.87 -34.67 -10.23
N GLU B 76 -22.97 -33.76 -9.27
CA GLU B 76 -23.93 -32.66 -9.35
C GLU B 76 -23.69 -31.75 -10.58
N ILE B 77 -22.42 -31.47 -10.87
CA ILE B 77 -22.00 -30.81 -12.09
C ILE B 77 -22.32 -31.63 -13.36
N ARG B 78 -21.98 -32.93 -13.37
CA ARG B 78 -22.46 -33.82 -14.47
C ARG B 78 -23.96 -33.65 -14.71
N ASN B 79 -24.76 -33.72 -13.64
CA ASN B 79 -26.21 -33.61 -13.75
C ASN B 79 -26.69 -32.29 -14.40
N ARG B 80 -25.96 -31.21 -14.10
CA ARG B 80 -26.26 -29.88 -14.62
C ARG B 80 -25.94 -29.77 -16.11
N LEU B 81 -24.81 -30.36 -16.49
CA LEU B 81 -24.37 -30.42 -17.89
C LEU B 81 -25.32 -31.24 -18.78
N ASP B 82 -25.75 -32.38 -18.25
CA ASP B 82 -26.73 -33.24 -18.92
C ASP B 82 -28.10 -32.57 -19.08
N LEU B 83 -28.56 -31.87 -18.05
CA LEU B 83 -29.79 -31.08 -18.14
C LEU B 83 -29.72 -30.03 -19.26
N GLU B 84 -28.53 -29.45 -19.44
CA GLU B 84 -28.33 -28.41 -20.47
C GLU B 84 -28.06 -28.94 -21.90
N GLY B 85 -27.49 -30.13 -21.99
CA GLY B 85 -27.12 -30.71 -23.28
C GLY B 85 -25.67 -30.40 -23.62
N THR B 86 -24.89 -30.02 -22.60
CA THR B 86 -23.47 -29.70 -22.79
C THR B 86 -22.68 -30.99 -22.83
N PRO B 87 -21.94 -31.21 -23.94
CA PRO B 87 -21.09 -32.40 -24.06
C PRO B 87 -19.91 -32.35 -23.11
N TYR B 88 -19.63 -33.45 -22.46
CA TYR B 88 -18.43 -33.55 -21.65
C TYR B 88 -17.84 -34.96 -21.77
N LYS B 89 -16.54 -35.05 -21.50
CA LYS B 89 -15.82 -36.31 -21.54
C LYS B 89 -15.23 -36.62 -20.18
N GLU B 90 -15.25 -37.90 -19.80
CA GLU B 90 -14.49 -38.34 -18.62
C GLU B 90 -13.01 -38.35 -18.92
N ALA B 91 -12.19 -37.97 -17.94
CA ALA B 91 -10.75 -38.05 -18.15
C ALA B 91 -10.31 -39.51 -18.41
N THR B 92 -9.32 -39.68 -19.27
CA THR B 92 -8.66 -40.98 -19.47
C THR B 92 -7.82 -41.33 -18.24
N ALA B 93 -7.29 -42.56 -18.19
CA ALA B 93 -6.36 -42.99 -17.15
C ALA B 93 -5.11 -42.11 -17.12
N ALA B 94 -4.52 -41.86 -18.27
CA ALA B 94 -3.34 -41.00 -18.38
C ALA B 94 -3.61 -39.57 -17.89
N GLU B 95 -4.81 -39.05 -18.17
CA GLU B 95 -5.17 -37.71 -17.74
C GLU B 95 -5.37 -37.63 -16.21
N LEU B 96 -6.01 -38.62 -15.62
CA LEU B 96 -6.18 -38.66 -14.16
C LEU B 96 -4.82 -38.72 -13.44
N ALA B 97 -3.93 -39.59 -13.93
CA ALA B 97 -2.58 -39.73 -13.38
C ALA B 97 -1.76 -38.46 -13.51
N ASP B 98 -1.88 -37.79 -14.68
CA ASP B 98 -1.13 -36.58 -14.94
C ASP B 98 -1.58 -35.41 -14.06
N ARG B 99 -2.89 -35.24 -13.93
CA ARG B 99 -3.43 -34.18 -13.09
C ARG B 99 -3.47 -34.52 -11.60
N ARG B 100 -3.28 -35.80 -11.30
CA ARG B 100 -3.22 -36.36 -9.94
C ARG B 100 -4.55 -36.10 -9.25
N VAL B 101 -5.63 -36.51 -9.93
CA VAL B 101 -6.99 -36.36 -9.39
C VAL B 101 -7.70 -37.70 -9.46
N ASP B 102 -8.72 -37.89 -8.63
CA ASP B 102 -9.48 -39.12 -8.63
C ASP B 102 -10.47 -39.27 -9.80
N GLU B 103 -11.25 -38.23 -10.06
CA GLU B 103 -12.20 -38.19 -11.19
C GLU B 103 -12.13 -36.80 -11.78
N MET B 104 -12.40 -36.69 -13.09
CA MET B 104 -12.37 -35.39 -13.73
C MET B 104 -13.20 -35.47 -15.01
N ILE B 105 -14.00 -34.43 -15.27
CA ILE B 105 -14.69 -34.26 -16.54
C ILE B 105 -14.13 -33.07 -17.31
N ARG B 106 -14.26 -33.15 -18.62
CA ARG B 106 -13.65 -32.18 -19.55
C ARG B 106 -14.74 -31.66 -20.46
N PHE B 107 -14.90 -30.34 -20.52
CA PHE B 107 -15.84 -29.72 -21.42
C PHE B 107 -15.46 -28.27 -21.61
N ALA B 108 -16.22 -27.60 -22.46
CA ALA B 108 -15.95 -26.21 -22.76
C ALA B 108 -17.20 -25.38 -22.60
N ASP B 109 -17.04 -24.09 -22.32
CA ASP B 109 -18.17 -23.18 -22.35
C ASP B 109 -18.50 -22.84 -23.83
N PRO B 110 -19.64 -22.18 -24.07
CA PRO B 110 -20.06 -21.78 -25.42
C PRO B 110 -19.05 -20.89 -26.17
N SER B 111 -18.14 -20.24 -25.43
CA SER B 111 -17.04 -19.46 -26.03
C SER B 111 -15.81 -20.31 -26.32
N GLY B 112 -15.85 -21.58 -25.92
CA GLY B 112 -14.80 -22.52 -26.19
C GLY B 112 -13.72 -22.61 -25.13
N ASN B 113 -13.85 -21.84 -24.02
CA ASN B 113 -12.88 -21.92 -22.91
C ASN B 113 -13.03 -23.32 -22.28
N CYS B 114 -11.92 -24.00 -22.07
CA CYS B 114 -11.97 -25.39 -21.56
C CYS B 114 -11.87 -25.49 -20.05
N LEU B 115 -12.76 -26.29 -19.49
CA LEU B 115 -12.82 -26.55 -18.07
C LEU B 115 -12.46 -28.00 -17.79
N GLU B 116 -11.80 -28.21 -16.66
CA GLU B 116 -11.57 -29.55 -16.14
C GLU B 116 -12.13 -29.56 -14.71
N VAL B 117 -13.21 -30.28 -14.47
CA VAL B 117 -13.85 -30.25 -13.14
C VAL B 117 -13.54 -31.59 -12.46
N PHE B 118 -12.95 -31.55 -11.26
CA PHE B 118 -12.34 -32.72 -10.66
C PHE B 118 -12.67 -32.85 -9.16
N HIS B 119 -12.32 -34.00 -8.60
CA HIS B 119 -12.31 -34.13 -7.15
C HIS B 119 -11.19 -35.09 -6.80
N GLY B 120 -10.80 -35.11 -5.52
CA GLY B 120 -9.83 -36.09 -5.04
C GLY B 120 -8.39 -35.85 -5.45
N THR B 121 -7.98 -34.58 -5.62
CA THR B 121 -6.58 -34.28 -5.87
C THR B 121 -5.66 -34.91 -4.81
N ALA B 122 -4.52 -35.43 -5.26
CA ALA B 122 -3.38 -35.66 -4.38
C ALA B 122 -2.83 -34.31 -3.87
N LEU B 123 -2.29 -34.30 -2.65
CA LEU B 123 -1.53 -33.16 -2.13
C LEU B 123 -0.12 -33.60 -1.83
N GLU B 124 0.79 -32.64 -1.79
CA GLU B 124 2.16 -32.84 -1.35
C GLU B 124 2.38 -32.11 -0.04
N HIS B 125 3.05 -32.76 0.92
CA HIS B 125 3.07 -32.29 2.31
C HIS B 125 4.35 -31.62 2.86
N ARG B 126 5.50 -31.75 2.19
CA ARG B 126 6.71 -31.00 2.60
C ARG B 126 6.39 -29.49 2.51
N ARG B 127 6.85 -28.72 3.49
CA ARG B 127 6.54 -27.28 3.53
C ARG B 127 6.94 -26.64 2.23
N VAL B 128 6.06 -25.79 1.69
CA VAL B 128 6.38 -24.96 0.52
C VAL B 128 6.85 -23.62 1.07
N VAL B 129 8.10 -23.29 0.82
CA VAL B 129 8.71 -22.10 1.45
C VAL B 129 9.21 -21.12 0.36
N SER B 130 8.49 -20.01 0.18
CA SER B 130 8.95 -18.97 -0.74
C SER B 130 10.27 -18.38 -0.19
N PRO B 131 11.31 -18.26 -1.04
CA PRO B 131 12.54 -17.63 -0.59
C PRO B 131 12.35 -16.17 -0.18
N TYR B 132 11.22 -15.58 -0.57
CA TYR B 132 10.94 -14.18 -0.23
C TYR B 132 10.12 -13.98 1.02
N GLY B 133 9.63 -15.09 1.59
CA GLY B 133 9.04 -15.06 2.93
C GLY B 133 7.55 -14.85 2.96
N HIS B 134 6.94 -14.63 1.80
CA HIS B 134 5.49 -14.50 1.71
C HIS B 134 4.77 -15.86 1.71
N ARG B 135 3.53 -15.87 2.23
CA ARG B 135 2.63 -17.00 2.12
C ARG B 135 1.47 -16.60 1.22
N PHE B 136 1.10 -17.51 0.33
CA PHE B 136 -0.07 -17.29 -0.50
C PHE B 136 -1.36 -17.58 0.29
N VAL B 137 -2.44 -16.91 -0.11
CA VAL B 137 -3.75 -17.13 0.50
C VAL B 137 -4.63 -17.98 -0.42
N THR B 138 -4.75 -19.26 -0.09
CA THR B 138 -5.54 -20.19 -0.88
C THR B 138 -6.66 -20.83 -0.05
N GLY B 139 -6.37 -22.00 0.51
CA GLY B 139 -7.33 -22.71 1.32
C GLY B 139 -8.71 -22.77 0.68
N GLU B 140 -9.74 -22.45 1.46
CA GLU B 140 -11.12 -22.45 0.97
C GLU B 140 -11.32 -21.46 -0.16
N GLN B 141 -10.43 -20.48 -0.31
CA GLN B 141 -10.53 -19.53 -1.41
C GLN B 141 -9.97 -20.04 -2.76
N GLY B 142 -9.31 -21.20 -2.73
CA GLY B 142 -8.59 -21.72 -3.92
C GLY B 142 -7.40 -20.89 -4.43
N MET B 143 -7.00 -21.15 -5.67
CA MET B 143 -5.74 -20.66 -6.20
C MET B 143 -5.68 -19.13 -6.27
N GLY B 144 -6.83 -18.52 -6.59
CA GLY B 144 -6.90 -17.10 -6.88
C GLY B 144 -8.15 -16.85 -7.68
N HIS B 145 -8.04 -15.92 -8.64
CA HIS B 145 -9.10 -15.71 -9.62
C HIS B 145 -8.55 -15.44 -10.99
N VAL B 146 -9.35 -15.79 -11.99
CA VAL B 146 -8.97 -15.58 -13.38
C VAL B 146 -10.07 -14.83 -14.17
N VAL B 147 -9.65 -13.78 -14.87
CA VAL B 147 -10.57 -13.01 -15.71
C VAL B 147 -10.22 -13.39 -17.15
N LEU B 148 -11.22 -13.87 -17.88
CA LEU B 148 -11.05 -14.46 -19.20
C LEU B 148 -11.88 -13.68 -20.21
N SER B 149 -11.52 -13.81 -21.48
CA SER B 149 -12.39 -13.32 -22.57
C SER B 149 -13.63 -14.18 -22.77
N THR B 150 -14.71 -13.50 -23.16
CA THR B 150 -15.90 -14.18 -23.64
C THR B 150 -16.39 -13.58 -24.96
N ARG B 151 -17.05 -14.39 -25.78
CA ARG B 151 -17.64 -13.83 -27.03
C ARG B 151 -19.01 -13.19 -26.84
N ASP B 152 -19.68 -13.53 -25.74
CA ASP B 152 -21.08 -13.15 -25.52
C ASP B 152 -21.39 -13.19 -24.01
N ASP B 153 -21.54 -12.02 -23.39
CA ASP B 153 -21.71 -11.96 -21.92
C ASP B 153 -23.00 -12.60 -21.40
N ALA B 154 -24.11 -12.44 -22.14
CA ALA B 154 -25.40 -13.10 -21.78
C ALA B 154 -25.34 -14.65 -21.77
N GLU B 155 -24.68 -15.20 -22.78
CA GLU B 155 -24.50 -16.63 -22.89
C GLU B 155 -23.52 -17.16 -21.78
N ALA B 156 -22.43 -16.44 -21.55
CA ALA B 156 -21.54 -16.73 -20.40
C ALA B 156 -22.29 -16.65 -19.07
N LEU B 157 -23.15 -15.64 -18.93
CA LEU B 157 -23.96 -15.53 -17.71
C LEU B 157 -24.84 -16.75 -17.52
N HIS B 158 -25.57 -17.14 -18.58
CA HIS B 158 -26.37 -18.35 -18.54
C HIS B 158 -25.56 -19.61 -18.20
N PHE B 159 -24.44 -19.81 -18.87
CA PHE B 159 -23.62 -21.01 -18.63
C PHE B 159 -23.04 -21.10 -17.21
N TYR B 160 -22.43 -20.01 -16.74
CA TYR B 160 -21.74 -20.02 -15.45
C TYR B 160 -22.68 -19.93 -14.26
N ARG B 161 -23.70 -19.08 -14.35
CA ARG B 161 -24.64 -18.98 -13.25
C ARG B 161 -25.71 -20.07 -13.35
N ASP B 162 -26.47 -20.09 -14.45
CA ASP B 162 -27.67 -20.95 -14.55
C ASP B 162 -27.38 -22.44 -14.68
N VAL B 163 -26.33 -22.76 -15.45
CA VAL B 163 -25.94 -24.13 -15.68
C VAL B 163 -24.97 -24.63 -14.60
N LEU B 164 -23.84 -23.94 -14.42
CA LEU B 164 -22.79 -24.43 -13.51
C LEU B 164 -23.04 -24.08 -12.03
N GLY B 165 -23.86 -23.05 -11.78
CA GLY B 165 -24.23 -22.65 -10.41
C GLY B 165 -23.28 -21.73 -9.67
N PHE B 166 -22.39 -21.04 -10.39
CA PHE B 166 -21.64 -19.92 -9.80
C PHE B 166 -22.65 -18.84 -9.41
N ARG B 167 -22.31 -18.08 -8.38
CA ARG B 167 -23.10 -16.91 -8.02
C ARG B 167 -22.57 -15.68 -8.72
N LEU B 168 -23.49 -14.85 -9.23
CA LEU B 168 -23.15 -13.54 -9.73
C LEU B 168 -22.77 -12.60 -8.57
N ARG B 169 -21.54 -12.07 -8.62
CA ARG B 169 -20.99 -11.36 -7.49
C ARG B 169 -20.95 -9.87 -7.74
N ASP B 170 -20.70 -9.47 -9.00
CA ASP B 170 -20.61 -8.05 -9.34
C ASP B 170 -20.74 -7.90 -10.85
N SER B 171 -21.10 -6.71 -11.30
CA SER B 171 -21.15 -6.45 -12.75
C SER B 171 -20.66 -5.05 -13.05
N MET B 172 -20.01 -4.92 -14.20
CA MET B 172 -19.54 -3.62 -14.62
C MET B 172 -19.86 -3.47 -16.08
N ARG B 173 -20.33 -2.28 -16.41
CA ARG B 173 -20.86 -2.00 -17.75
C ARG B 173 -19.72 -1.49 -18.66
N LEU B 174 -19.80 -1.83 -19.94
CA LEU B 174 -18.95 -1.21 -20.95
C LEU B 174 -19.77 -0.45 -21.97
N PRO B 175 -19.26 0.70 -22.38
CA PRO B 175 -19.83 1.42 -23.53
C PRO B 175 -19.93 0.54 -24.76
N PRO B 176 -21.06 0.62 -25.46
CA PRO B 176 -21.30 -0.22 -26.64
C PRO B 176 -20.15 -0.11 -27.64
N GLN B 177 -19.57 1.08 -27.76
CA GLN B 177 -18.52 1.34 -28.74
C GLN B 177 -17.23 0.62 -28.37
N MET B 178 -17.07 0.34 -27.08
CA MET B 178 -15.89 -0.37 -26.59
C MET B 178 -15.84 -1.80 -27.11
N VAL B 179 -17.02 -2.36 -27.41
CA VAL B 179 -17.11 -3.67 -28.02
C VAL B 179 -17.62 -3.58 -29.46
N GLY B 180 -17.14 -2.55 -30.10
CA GLY B 180 -17.46 -2.23 -31.46
C GLY B 180 -18.89 -2.21 -31.93
N ARG B 181 -19.84 -2.02 -31.04
CA ARG B 181 -21.22 -1.64 -31.41
C ARG B 181 -21.41 -0.16 -31.74
N PRO B 182 -22.47 0.17 -32.43
CA PRO B 182 -22.87 1.57 -32.56
C PRO B 182 -23.02 2.22 -31.19
N ALA B 183 -22.57 3.45 -31.12
CA ALA B 183 -22.60 4.25 -29.90
C ALA B 183 -23.98 4.47 -29.24
N ASP B 184 -25.04 4.04 -29.89
CA ASP B 184 -26.35 4.18 -29.31
C ASP B 184 -26.97 2.81 -29.22
N GLY B 185 -26.14 1.79 -29.40
CA GLY B 185 -26.42 0.46 -28.95
C GLY B 185 -26.26 0.16 -27.48
N PRO B 186 -26.59 -1.06 -27.12
CA PRO B 186 -26.59 -1.47 -25.72
C PRO B 186 -25.17 -1.72 -25.17
N PRO B 187 -24.94 -1.33 -23.92
CA PRO B 187 -23.75 -1.71 -23.18
C PRO B 187 -23.50 -3.20 -23.13
N ALA B 188 -22.26 -3.60 -23.10
CA ALA B 188 -21.90 -4.97 -22.73
C ALA B 188 -21.55 -5.00 -21.22
N TRP B 189 -21.22 -6.19 -20.70
CA TRP B 189 -21.10 -6.41 -19.27
C TRP B 189 -19.94 -7.32 -18.91
N LEU B 190 -19.06 -6.80 -18.06
CA LEU B 190 -18.00 -7.55 -17.39
C LEU B 190 -18.64 -8.14 -16.14
N ARG B 191 -18.74 -9.48 -16.07
CA ARG B 191 -19.39 -10.13 -14.91
C ARG B 191 -18.45 -10.99 -14.05
N PHE B 192 -18.59 -10.86 -12.74
CA PHE B 192 -17.71 -11.50 -11.76
C PHE B 192 -18.49 -12.58 -11.00
N PHE B 193 -17.93 -13.80 -10.94
CA PHE B 193 -18.58 -15.01 -10.47
C PHE B 193 -17.81 -15.65 -9.30
N GLY B 194 -18.56 -16.07 -8.29
CA GLY B 194 -18.04 -16.73 -7.10
C GLY B 194 -18.53 -18.13 -6.87
N CYS B 195 -17.69 -18.92 -6.22
CA CYS B 195 -18.01 -20.28 -5.89
C CYS B 195 -17.62 -20.59 -4.45
N ASN B 196 -17.03 -19.59 -3.77
CA ASN B 196 -16.61 -19.66 -2.35
C ASN B 196 -16.54 -18.24 -1.77
N PRO B 197 -16.03 -18.06 -0.52
CA PRO B 197 -15.96 -16.70 0.03
C PRO B 197 -15.14 -15.68 -0.77
N ARG B 198 -14.12 -16.12 -1.53
CA ARG B 198 -13.35 -15.19 -2.37
C ARG B 198 -14.34 -14.38 -3.22
N HIS B 199 -14.27 -13.04 -3.18
CA HIS B 199 -15.28 -12.21 -3.85
C HIS B 199 -15.61 -12.76 -5.27
N HIS B 200 -14.59 -13.03 -6.07
CA HIS B 200 -14.81 -13.83 -7.29
C HIS B 200 -13.64 -14.78 -7.57
N SER B 201 -13.96 -15.94 -8.16
CA SER B 201 -12.93 -16.87 -8.64
C SER B 201 -12.76 -16.75 -10.17
N LEU B 202 -13.67 -16.02 -10.81
CA LEU B 202 -13.79 -16.07 -12.25
C LEU B 202 -14.56 -14.82 -12.71
N ALA B 203 -14.10 -14.22 -13.79
CA ALA B 203 -14.86 -13.14 -14.45
C ALA B 203 -14.69 -13.20 -15.98
N PHE B 204 -15.65 -12.61 -16.70
CA PHE B 204 -15.63 -12.63 -18.19
C PHE B 204 -15.75 -11.25 -18.81
N LEU B 205 -14.69 -10.86 -19.51
CA LEU B 205 -14.66 -9.60 -20.23
C LEU B 205 -15.08 -9.92 -21.67
N PRO B 206 -16.16 -9.29 -22.15
CA PRO B 206 -16.59 -9.59 -23.52
C PRO B 206 -15.73 -8.82 -24.54
N MET B 207 -14.41 -8.99 -24.44
CA MET B 207 -13.46 -8.35 -25.33
C MET B 207 -12.34 -9.35 -25.60
N PRO B 208 -11.80 -9.33 -26.82
CA PRO B 208 -10.84 -10.42 -27.09
C PRO B 208 -9.41 -10.19 -26.57
N THR B 209 -8.74 -11.30 -26.24
CA THR B 209 -7.32 -11.27 -25.88
C THR B 209 -6.57 -12.37 -26.61
N SER B 210 -5.29 -12.12 -26.85
CA SER B 210 -4.44 -13.05 -27.57
C SER B 210 -4.37 -14.42 -26.84
N SER B 211 -4.16 -14.40 -25.52
CA SER B 211 -4.03 -15.62 -24.71
C SER B 211 -5.35 -16.23 -24.23
N GLY B 212 -6.43 -15.46 -24.28
CA GLY B 212 -7.69 -15.83 -23.64
C GLY B 212 -7.79 -15.31 -22.20
N ILE B 213 -6.67 -14.83 -21.67
CA ILE B 213 -6.57 -14.37 -20.29
C ILE B 213 -6.43 -12.85 -20.23
N VAL B 214 -7.31 -12.22 -19.43
CA VAL B 214 -7.22 -10.79 -19.12
C VAL B 214 -6.26 -10.59 -17.94
N HIS B 215 -6.56 -11.29 -16.84
CA HIS B 215 -5.63 -11.34 -15.72
C HIS B 215 -5.78 -12.57 -14.84
N LEU B 216 -4.67 -12.98 -14.25
CA LEU B 216 -4.65 -13.95 -13.20
C LEU B 216 -4.25 -13.19 -11.93
N MET B 217 -5.04 -13.35 -10.89
CA MET B 217 -4.74 -12.84 -9.57
C MET B 217 -4.21 -13.96 -8.65
N VAL B 218 -3.06 -13.73 -8.03
CA VAL B 218 -2.68 -14.52 -6.86
C VAL B 218 -2.57 -13.59 -5.63
N GLU B 219 -2.92 -14.14 -4.47
CA GLU B 219 -2.99 -13.38 -3.24
C GLU B 219 -1.99 -13.84 -2.21
N VAL B 220 -1.35 -12.86 -1.57
CA VAL B 220 -0.43 -13.10 -0.46
C VAL B 220 -1.02 -12.46 0.83
N GLU B 221 -0.46 -12.82 1.98
CA GLU B 221 -1.04 -12.41 3.27
C GLU B 221 -1.03 -10.91 3.59
N GLN B 222 0.05 -10.20 3.24
CA GLN B 222 0.30 -8.83 3.72
C GLN B 222 0.61 -7.90 2.56
N ALA B 223 0.31 -6.62 2.75
CA ALA B 223 0.77 -5.54 1.87
C ALA B 223 2.27 -5.55 1.67
N ASP B 224 3.05 -5.81 2.74
CA ASP B 224 4.52 -5.87 2.53
C ASP B 224 4.94 -6.90 1.50
N ASP B 225 4.24 -8.03 1.46
CA ASP B 225 4.52 -9.08 0.47
C ASP B 225 4.32 -8.58 -0.98
N VAL B 226 3.21 -7.86 -1.19
CA VAL B 226 2.94 -7.13 -2.42
C VAL B 226 4.01 -6.09 -2.76
N GLY B 227 4.38 -5.25 -1.78
CA GLY B 227 5.37 -4.19 -1.99
C GLY B 227 6.73 -4.76 -2.34
N LEU B 228 7.08 -5.85 -1.66
CA LEU B 228 8.33 -6.55 -1.93
C LEU B 228 8.35 -7.16 -3.33
N CYS B 229 7.23 -7.73 -3.75
CA CYS B 229 7.15 -8.30 -5.10
C CYS B 229 7.30 -7.23 -6.18
N LEU B 230 6.59 -6.10 -6.03
CA LEU B 230 6.74 -4.96 -6.93
C LEU B 230 8.21 -4.52 -7.08
N ASP B 231 8.96 -4.46 -5.98
CA ASP B 231 10.39 -4.12 -6.07
C ASP B 231 11.18 -5.16 -6.87
N ARG B 232 10.88 -6.45 -6.66
CA ARG B 232 11.56 -7.55 -7.42
C ARG B 232 11.27 -7.40 -8.90
N ALA B 233 9.99 -7.18 -9.21
CA ALA B 233 9.54 -7.00 -10.60
C ALA B 233 10.19 -5.78 -11.28
N LEU B 234 10.26 -4.64 -10.57
CA LEU B 234 10.90 -3.45 -11.11
C LEU B 234 12.40 -3.71 -11.36
N ARG B 235 13.05 -4.39 -10.42
CA ARG B 235 14.49 -4.73 -10.50
C ARG B 235 14.76 -5.57 -11.74
N ARG B 236 13.85 -6.50 -12.03
CA ARG B 236 13.97 -7.43 -13.15
C ARG B 236 13.34 -6.90 -14.45
N LYS B 237 12.94 -5.64 -14.45
CA LYS B 237 12.43 -4.98 -15.64
C LYS B 237 11.17 -5.64 -16.21
N VAL B 238 10.36 -6.23 -15.34
CA VAL B 238 9.03 -6.73 -15.69
C VAL B 238 8.15 -5.54 -16.11
N PRO B 239 7.49 -5.63 -17.28
CA PRO B 239 6.58 -4.57 -17.75
C PRO B 239 5.41 -4.36 -16.79
N MET B 240 5.29 -3.14 -16.26
CA MET B 240 4.13 -2.78 -15.41
C MET B 240 2.86 -2.54 -16.23
N SER B 241 1.71 -3.01 -15.73
CA SER B 241 0.42 -2.76 -16.35
C SER B 241 -0.49 -1.84 -15.55
N ALA B 242 -0.41 -1.89 -14.22
CA ALA B 242 -1.10 -0.90 -13.37
C ALA B 242 -0.36 -0.67 -12.07
N THR B 243 -0.35 0.59 -11.65
CA THR B 243 0.23 0.99 -10.38
C THR B 243 -0.54 0.31 -9.23
N LEU B 244 0.04 0.32 -8.02
CA LEU B 244 -0.61 -0.12 -6.80
C LEU B 244 -1.96 0.60 -6.63
N GLY B 245 -2.99 -0.15 -6.23
CA GLY B 245 -4.26 0.46 -5.91
C GLY B 245 -5.14 -0.50 -5.14
N ARG B 246 -6.36 -0.08 -4.86
CA ARG B 246 -7.35 -0.94 -4.22
C ARG B 246 -8.59 -0.96 -5.09
N HIS B 247 -9.01 -2.16 -5.48
CA HIS B 247 -10.24 -2.33 -6.22
C HIS B 247 -11.48 -1.98 -5.41
N VAL B 248 -12.48 -1.53 -6.16
CA VAL B 248 -13.78 -1.33 -5.61
C VAL B 248 -14.50 -2.63 -5.23
N ASN B 249 -14.54 -3.61 -6.14
CA ASN B 249 -15.45 -4.72 -5.87
C ASN B 249 -14.97 -5.75 -4.82
N ASP B 250 -13.71 -6.17 -4.94
CA ASP B 250 -13.16 -7.17 -4.04
C ASP B 250 -12.16 -6.57 -3.03
N LEU B 251 -12.03 -5.25 -3.01
CA LEU B 251 -11.14 -4.56 -2.06
C LEU B 251 -9.69 -5.05 -2.11
N MET B 252 -9.28 -5.70 -3.22
CA MET B 252 -7.90 -6.18 -3.34
C MET B 252 -6.96 -5.00 -3.47
N LEU B 253 -5.94 -5.02 -2.61
CA LEU B 253 -4.81 -4.11 -2.66
C LEU B 253 -3.75 -4.83 -3.46
N SER B 254 -3.45 -4.29 -4.65
CA SER B 254 -2.68 -5.06 -5.66
C SER B 254 -2.02 -4.16 -6.70
N PHE B 255 -1.05 -4.71 -7.43
CA PHE B 255 -0.55 -4.07 -8.66
C PHE B 255 -0.68 -5.13 -9.77
N TYR B 256 -0.60 -4.67 -11.02
CA TYR B 256 -0.66 -5.54 -12.21
C TYR B 256 0.63 -5.41 -12.97
N MET B 257 1.07 -6.56 -13.48
CA MET B 257 2.30 -6.66 -14.24
C MET B 257 2.14 -7.69 -15.35
N LYS B 258 2.87 -7.48 -16.45
CA LYS B 258 2.85 -8.40 -17.58
C LYS B 258 3.67 -9.65 -17.29
N THR B 259 3.07 -10.80 -17.57
CA THR B 259 3.80 -12.07 -17.45
C THR B 259 4.54 -12.36 -18.75
N PRO B 260 5.40 -13.41 -18.76
CA PRO B 260 5.97 -13.90 -20.03
C PRO B 260 4.93 -14.37 -21.07
N GLY B 261 3.71 -14.64 -20.64
CA GLY B 261 2.65 -15.03 -21.57
C GLY B 261 1.90 -13.88 -22.22
N GLY B 262 2.30 -12.66 -21.91
CA GLY B 262 1.65 -11.47 -22.41
C GLY B 262 0.35 -11.03 -21.73
N PHE B 263 -0.15 -11.80 -20.78
CA PHE B 263 -1.32 -11.42 -19.99
C PHE B 263 -0.83 -10.91 -18.62
N ASP B 264 -1.67 -10.18 -17.93
CA ASP B 264 -1.33 -9.61 -16.61
C ASP B 264 -1.47 -10.61 -15.47
N ILE B 265 -0.56 -10.52 -14.50
CA ILE B 265 -0.86 -11.08 -13.22
C ILE B 265 -1.13 -9.91 -12.28
N GLU B 266 -2.20 -10.03 -11.51
CA GLU B 266 -2.48 -9.10 -10.42
C GLU B 266 -1.89 -9.75 -9.15
N PHE B 267 -1.00 -9.04 -8.43
CA PHE B 267 -0.37 -9.62 -7.24
C PHE B 267 -0.93 -8.82 -6.06
N GLY B 268 -1.76 -9.49 -5.26
CA GLY B 268 -2.62 -8.78 -4.31
C GLY B 268 -2.67 -9.30 -2.88
N CYS B 269 -3.35 -8.53 -2.03
CA CYS B 269 -3.63 -8.89 -0.65
C CYS B 269 -4.96 -8.26 -0.21
N GLU B 270 -5.45 -8.73 0.94
CA GLU B 270 -6.64 -8.18 1.60
C GLU B 270 -7.94 -8.35 0.78
N GLY B 271 -8.06 -9.47 0.07
CA GLY B 271 -9.27 -9.75 -0.73
C GLY B 271 -10.49 -9.92 0.14
N ARG B 272 -11.59 -9.27 -0.30
CA ARG B 272 -12.83 -9.29 0.48
C ARG B 272 -13.46 -10.70 0.46
N GLN B 273 -13.95 -11.14 1.62
CA GLN B 273 -14.74 -12.38 1.79
C GLN B 273 -16.22 -12.08 1.70
N VAL B 274 -16.95 -12.96 1.04
CA VAL B 274 -18.39 -12.83 0.79
C VAL B 274 -19.13 -14.00 1.45
N ASP B 275 -20.29 -13.72 2.08
CA ASP B 275 -21.27 -14.71 2.52
C ASP B 275 -22.50 -14.62 1.61
N ASP B 276 -22.74 -15.69 0.86
CA ASP B 276 -23.88 -15.76 -0.07
C ASP B 276 -25.25 -15.48 0.59
N ARG B 277 -25.34 -15.67 1.91
CA ARG B 277 -26.62 -15.45 2.60
C ARG B 277 -26.97 -13.98 2.70
N ASP B 278 -25.95 -13.11 2.65
CA ASP B 278 -26.07 -11.65 2.78
C ASP B 278 -25.82 -10.92 1.48
N TRP B 279 -25.00 -11.51 0.62
CA TRP B 279 -24.45 -10.78 -0.52
C TRP B 279 -25.56 -10.30 -1.49
N ILE B 280 -25.51 -9.01 -1.82
CA ILE B 280 -26.36 -8.39 -2.84
C ILE B 280 -25.56 -8.15 -4.12
N ALA B 281 -26.00 -8.73 -5.23
CA ALA B 281 -25.32 -8.54 -6.51
C ALA B 281 -25.72 -7.20 -7.14
N ARG B 282 -24.74 -6.32 -7.33
CA ARG B 282 -24.99 -4.97 -7.78
C ARG B 282 -24.07 -4.62 -8.98
N GLU B 283 -24.18 -3.39 -9.48
CA GLU B 283 -23.29 -2.88 -10.52
C GLU B 283 -22.28 -1.90 -9.95
N SER B 284 -21.00 -2.22 -10.08
CA SER B 284 -19.93 -1.27 -9.73
C SER B 284 -19.65 -0.34 -10.92
N THR B 285 -19.35 0.91 -10.62
CA THR B 285 -19.24 1.95 -11.61
C THR B 285 -17.82 2.55 -11.66
N ALA B 286 -16.86 1.93 -10.95
CA ALA B 286 -15.44 2.27 -11.02
C ALA B 286 -14.62 0.99 -10.78
N VAL B 287 -13.40 0.93 -11.33
CA VAL B 287 -12.52 -0.23 -11.15
C VAL B 287 -11.86 -0.17 -9.76
N SER B 288 -11.49 1.04 -9.35
CA SER B 288 -10.66 1.25 -8.18
C SER B 288 -11.09 2.39 -7.28
N LEU B 289 -10.85 2.19 -5.99
CA LEU B 289 -10.99 3.26 -5.00
C LEU B 289 -9.88 4.28 -5.18
N TRP B 290 -8.67 3.79 -5.44
CA TRP B 290 -7.53 4.65 -5.68
C TRP B 290 -6.47 3.86 -6.44
N GLY B 291 -5.55 4.56 -7.09
CA GLY B 291 -4.43 3.91 -7.74
C GLY B 291 -4.91 3.08 -8.89
N HIS B 292 -4.16 2.01 -9.18
CA HIS B 292 -4.45 1.12 -10.31
C HIS B 292 -4.53 1.94 -11.61
N ASP B 293 -3.52 2.78 -11.84
CA ASP B 293 -3.46 3.53 -13.08
C ASP B 293 -2.95 2.58 -14.17
N PHE B 294 -3.87 2.10 -15.02
CA PHE B 294 -3.55 1.17 -16.11
C PHE B 294 -2.87 1.84 -17.31
N THR B 295 -2.73 3.14 -17.22
CA THR B 295 -2.11 3.99 -18.22
C THR B 295 -0.58 3.80 -18.27
N VAL B 296 -0.04 3.24 -17.20
CA VAL B 296 1.38 2.93 -17.14
C VAL B 296 1.79 1.81 -18.11
N GLY B 297 0.81 1.02 -18.56
CA GLY B 297 1.05 -0.15 -19.43
C GLY B 297 0.59 0.01 -20.86
FE FE2 C . 9.15 10.12 8.47
FE FE2 D . -8.50 -9.30 -9.96
O1 TAR E . 10.56 -26.66 -25.23
O11 TAR E . 9.40 -28.12 -26.39
C1 TAR E . 9.93 -26.98 -26.26
C2 TAR E . 9.84 -25.90 -27.31
O2 TAR E . 11.12 -25.33 -27.64
C3 TAR E . 9.06 -26.35 -28.57
O3 TAR E . 9.73 -25.94 -29.76
C4 TAR E . 7.75 -25.61 -28.59
O4 TAR E . 6.77 -26.05 -29.31
O41 TAR E . 7.78 -24.55 -27.89
#